data_5T3J
#
_entry.id   5T3J
#
_cell.length_a   119.635
_cell.length_b   119.635
_cell.length_c   92.906
_cell.angle_alpha   90.00
_cell.angle_beta   90.00
_cell.angle_gamma   120.00
#
_symmetry.space_group_name_H-M   'P 62 2 2'
#
loop_
_entity.id
_entity.type
_entity.pdbx_description
1 polymer 'Inositol monophosphatase'
2 non-polymer selenourea
3 non-polymer 'PHOSPHATE ION'
4 water water
#
_entity_poly.entity_id   1
_entity_poly.type   'polypeptide(L)'
_entity_poly.pdbx_seq_one_letter_code
;SNAMSSSSSPPHQLNHFSDVANKAANAAGDVIRKYFRKNNFDIIHKNDLSPVTIADQSAEEAMVSVILDNFPSHAVYGEE
KGWRCKQDSADYVWVLDPIDGTKSFITGKPLFGTLIALLQNGTPILGIIDQPVLKERWIGITGKRTTLNGQEVSTRTCAD
LSQAYLYTTSPHLFSGDAEEAFIRVRDKVKIPLYGCDCYAYALLSSGFVDLVVESGLKPYDFLALIPVIEGSGGVITDWK
GHQLRWEASPLSIATSFNVVAAGDKQIHQQALDSLQW
;
_entity_poly.pdbx_strand_id   A
#
loop_
_chem_comp.id
_chem_comp.type
_chem_comp.name
_chem_comp.formula
PO4 non-polymer 'PHOSPHATE ION' 'O4 P -3'
SEY non-polymer selenourea 'C H4 N2 Se'
#
# COMPACT_ATOMS: atom_id res chain seq x y z
N PRO A 10 -13.76 18.92 4.34
CA PRO A 10 -13.25 17.81 3.50
C PRO A 10 -12.43 18.37 2.29
N PRO A 11 -11.84 17.48 1.41
CA PRO A 11 -11.12 18.01 0.23
C PRO A 11 -12.01 18.08 -0.99
N HIS A 12 -11.85 19.14 -1.80
CA HIS A 12 -12.74 19.40 -2.94
C HIS A 12 -12.18 19.00 -4.29
N GLN A 13 -10.88 18.71 -4.37
CA GLN A 13 -10.20 18.51 -5.65
C GLN A 13 -10.03 17.04 -6.03
N LEU A 14 -10.78 16.15 -5.38
CA LEU A 14 -10.48 14.69 -5.46
C LEU A 14 -10.60 14.06 -6.82
N ASN A 15 -11.56 14.53 -7.62
CA ASN A 15 -11.72 14.04 -9.00
C ASN A 15 -10.57 14.42 -9.91
N HIS A 16 -10.11 15.67 -9.79
CA HIS A 16 -8.92 16.13 -10.48
C HIS A 16 -7.64 15.36 -10.00
N PHE A 17 -7.52 15.14 -8.67
CA PHE A 17 -6.46 14.31 -8.11
C PHE A 17 -6.49 12.87 -8.66
N SER A 18 -7.68 12.25 -8.68
CA SER A 18 -7.90 10.98 -9.40
C SER A 18 -7.41 10.92 -10.83
N ASP A 19 -7.65 11.94 -11.64
CA ASP A 19 -7.26 11.87 -13.07
C ASP A 19 -5.75 11.80 -13.25
N VAL A 20 -5.06 12.66 -12.51
CA VAL A 20 -3.60 12.66 -12.49
C VAL A 20 -3.08 11.34 -11.84
N ALA A 21 -3.68 10.95 -10.70
CA ALA A 21 -3.37 9.63 -10.10
C ALA A 21 -3.41 8.51 -11.15
N ASN A 22 -4.51 8.44 -11.91
CA ASN A 22 -4.68 7.41 -12.91
C ASN A 22 -3.69 7.53 -14.09
N LYS A 23 -3.39 8.76 -14.52
CA LYS A 23 -2.36 8.99 -15.51
C LYS A 23 -0.98 8.57 -15.02
N ALA A 24 -0.61 8.95 -13.78
CA ALA A 24 0.66 8.49 -13.17
C ALA A 24 0.71 6.97 -13.26
N ALA A 25 -0.34 6.33 -12.76
CA ALA A 25 -0.39 4.88 -12.70
C ALA A 25 -0.29 4.31 -14.11
N ASN A 26 -0.97 4.95 -15.07
CA ASN A 26 -0.94 4.51 -16.47
C ASN A 26 0.46 4.54 -17.03
N ALA A 27 1.22 5.58 -16.68
CA ALA A 27 2.57 5.77 -17.20
C ALA A 27 3.58 4.78 -16.54
N ALA A 28 3.46 4.57 -15.23
CA ALA A 28 4.22 3.51 -14.56
C ALA A 28 3.96 2.14 -15.22
N GLY A 29 2.70 1.86 -15.55
CA GLY A 29 2.33 0.59 -16.14
C GLY A 29 3.02 0.31 -17.44
N ASP A 30 3.14 1.35 -18.27
CA ASP A 30 3.76 1.24 -19.60
C ASP A 30 5.24 0.80 -19.50
N VAL A 31 5.99 1.47 -18.62
CA VAL A 31 7.38 1.09 -18.33
C VAL A 31 7.44 -0.33 -17.78
N ILE A 32 6.67 -0.60 -16.72
CA ILE A 32 6.66 -1.91 -16.04
C ILE A 32 6.34 -3.11 -16.96
N ARG A 33 5.42 -2.96 -17.92
CA ARG A 33 5.11 -4.06 -18.81
C ARG A 33 6.23 -4.37 -19.83
N LYS A 34 6.99 -3.36 -20.29
CA LYS A 34 8.16 -3.64 -21.15
C LYS A 34 9.18 -4.47 -20.40
N TYR A 35 9.50 -4.12 -19.16
CA TYR A 35 10.61 -4.76 -18.45
C TYR A 35 10.28 -6.04 -17.69
N PHE A 36 8.99 -6.25 -17.38
CA PHE A 36 8.56 -7.44 -16.68
C PHE A 36 8.78 -8.65 -17.55
N ARG A 37 9.51 -9.62 -17.01
CA ARG A 37 9.75 -10.91 -17.67
C ARG A 37 10.54 -10.88 -18.99
N LYS A 38 11.37 -9.86 -19.22
CA LYS A 38 12.18 -9.81 -20.44
C LYS A 38 13.65 -10.16 -20.20
N SER A 50 20.25 -4.96 -15.02
CA SER A 50 19.13 -5.69 -14.43
C SER A 50 17.83 -4.92 -14.72
N PRO A 51 16.84 -5.61 -15.32
CA PRO A 51 15.59 -4.92 -15.72
C PRO A 51 14.85 -4.25 -14.55
N VAL A 52 14.88 -4.84 -13.35
CA VAL A 52 14.16 -4.29 -12.18
C VAL A 52 14.50 -2.85 -11.78
N THR A 53 15.78 -2.47 -11.87
CA THR A 53 16.22 -1.13 -11.46
C THR A 53 15.94 -0.10 -12.56
N ILE A 54 16.16 -0.48 -13.81
CA ILE A 54 15.76 0.37 -14.95
C ILE A 54 14.24 0.63 -14.86
N ALA A 55 13.48 -0.45 -14.68
CA ALA A 55 12.03 -0.39 -14.57
C ALA A 55 11.59 0.53 -13.45
N ASP A 56 12.15 0.32 -12.26
CA ASP A 56 11.79 1.07 -11.07
C ASP A 56 12.10 2.57 -11.20
N GLN A 57 13.24 2.92 -11.80
CA GLN A 57 13.62 4.32 -12.03
C GLN A 57 12.79 5.00 -13.11
N SER A 58 12.69 4.35 -14.27
CA SER A 58 11.90 4.90 -15.39
C SER A 58 10.47 5.13 -14.95
N ALA A 59 9.93 4.14 -14.21
CA ALA A 59 8.54 4.16 -13.80
C ALA A 59 8.28 5.31 -12.84
N GLU A 60 9.22 5.52 -11.92
CA GLU A 60 9.11 6.59 -10.95
C GLU A 60 9.18 7.92 -11.69
N GLU A 61 10.17 8.04 -12.58
CA GLU A 61 10.36 9.23 -13.39
C GLU A 61 9.10 9.54 -14.21
N ALA A 62 8.52 8.51 -14.82
CA ALA A 62 7.25 8.63 -15.53
C ALA A 62 6.12 9.18 -14.67
N MET A 63 6.02 8.73 -13.43
CA MET A 63 4.95 9.17 -12.53
C MET A 63 5.17 10.62 -12.11
N VAL A 64 6.42 10.99 -11.78
CA VAL A 64 6.69 12.38 -11.38
C VAL A 64 6.56 13.37 -12.55
N SER A 65 6.94 12.96 -13.77
CA SER A 65 6.64 13.75 -14.95
C SER A 65 5.15 14.15 -14.97
N VAL A 66 4.26 13.17 -14.78
CA VAL A 66 2.81 13.42 -14.81
C VAL A 66 2.37 14.29 -13.61
N ILE A 67 2.81 13.92 -12.42
CA ILE A 67 2.38 14.62 -11.21
C ILE A 67 2.87 16.10 -11.17
N LEU A 68 4.14 16.32 -11.46
CA LEU A 68 4.71 17.66 -11.49
C LEU A 68 4.28 18.52 -12.68
N ASP A 69 4.01 17.92 -13.84
CA ASP A 69 3.41 18.66 -14.97
C ASP A 69 2.03 19.20 -14.67
N ASN A 70 1.26 18.46 -13.87
CA ASN A 70 -0.10 18.86 -13.49
C ASN A 70 -0.13 19.68 -12.22
N PHE A 71 0.79 19.41 -11.30
CA PHE A 71 0.90 20.21 -10.09
C PHE A 71 2.38 20.55 -9.78
N PRO A 72 2.85 21.75 -10.19
CA PRO A 72 4.24 22.15 -9.94
C PRO A 72 4.59 22.45 -8.47
N SER A 73 3.59 22.87 -7.69
CA SER A 73 3.77 23.21 -6.26
C SER A 73 3.85 21.98 -5.33
N HIS A 74 3.36 20.84 -5.83
CA HIS A 74 3.27 19.59 -5.07
C HIS A 74 4.65 18.96 -4.87
N ALA A 75 4.78 18.22 -3.77
CA ALA A 75 5.97 17.42 -3.52
C ALA A 75 5.68 15.94 -3.76
N VAL A 76 6.75 15.19 -4.03
CA VAL A 76 6.71 13.73 -4.15
C VAL A 76 7.82 13.11 -3.30
N TYR A 77 7.51 12.02 -2.61
CA TYR A 77 8.55 11.16 -2.07
C TYR A 77 8.47 9.80 -2.79
N GLY A 78 9.42 9.55 -3.67
CA GLY A 78 9.53 8.27 -4.39
C GLY A 78 10.56 7.33 -3.78
N GLU A 79 10.28 6.02 -3.85
CA GLU A 79 11.14 4.97 -3.28
C GLU A 79 12.58 4.92 -3.86
N GLU A 80 12.73 5.44 -5.09
CA GLU A 80 14.02 5.47 -5.79
C GLU A 80 14.86 6.73 -5.48
N LYS A 81 14.22 7.90 -5.47
CA LYS A 81 14.93 9.17 -5.34
C LYS A 81 14.39 10.10 -4.26
N GLY A 82 13.78 9.55 -3.21
CA GLY A 82 13.27 10.32 -2.06
C GLY A 82 12.41 11.54 -2.40
N TRP A 83 12.52 12.56 -1.55
CA TRP A 83 11.84 13.86 -1.68
C TRP A 83 12.28 14.65 -2.93
N ARG A 84 11.34 15.37 -3.55
CA ARG A 84 11.57 16.28 -4.68
C ARG A 84 10.49 17.34 -4.69
N CYS A 85 10.87 18.58 -4.45
CA CYS A 85 9.91 19.69 -4.44
C CYS A 85 10.59 20.98 -4.85
N LYS A 86 9.86 21.80 -5.61
CA LYS A 86 10.28 23.18 -5.93
C LYS A 86 10.26 24.08 -4.67
N GLN A 87 9.09 24.17 -4.04
CA GLN A 87 8.83 25.01 -2.86
C GLN A 87 9.59 24.52 -1.62
N ASP A 88 9.64 25.36 -0.58
CA ASP A 88 10.17 25.00 0.73
C ASP A 88 9.35 23.85 1.32
N SER A 89 8.03 24.00 1.30
CA SER A 89 7.10 22.96 1.73
C SER A 89 5.91 22.85 0.77
N ALA A 90 5.17 21.76 0.89
CA ALA A 90 3.89 21.63 0.22
C ALA A 90 2.83 21.02 1.13
N ASP A 91 1.59 21.49 0.99
CA ASP A 91 0.45 20.91 1.69
C ASP A 91 0.08 19.52 1.10
N TYR A 92 0.55 19.24 -0.12
CA TYR A 92 0.28 18.01 -0.90
C TYR A 92 1.54 17.21 -1.22
N VAL A 93 1.55 15.97 -0.77
CA VAL A 93 2.71 15.11 -0.90
C VAL A 93 2.31 13.78 -1.54
N TRP A 94 2.99 13.46 -2.64
CA TRP A 94 2.77 12.22 -3.37
C TRP A 94 3.82 11.15 -2.95
N VAL A 95 3.35 10.10 -2.29
CA VAL A 95 4.23 9.03 -1.85
C VAL A 95 4.09 7.83 -2.81
N LEU A 96 5.20 7.48 -3.47
CA LEU A 96 5.18 6.52 -4.57
C LEU A 96 6.13 5.34 -4.37
N ASP A 97 5.70 4.17 -4.82
CA ASP A 97 6.59 3.03 -5.02
C ASP A 97 6.13 2.34 -6.30
N PRO A 98 6.95 2.43 -7.36
CA PRO A 98 6.60 1.85 -8.66
C PRO A 98 6.56 0.34 -8.64
N ILE A 99 7.43 -0.30 -7.85
CA ILE A 99 7.48 -1.77 -7.75
C ILE A 99 7.57 -2.20 -6.28
N ASP A 100 6.41 -2.29 -5.63
CA ASP A 100 6.34 -2.81 -4.28
C ASP A 100 6.24 -4.30 -4.46
N GLY A 101 7.32 -5.02 -4.15
CA GLY A 101 7.40 -6.44 -4.42
C GLY A 101 8.42 -6.79 -5.50
N THR A 102 9.58 -6.14 -5.41
CA THR A 102 10.76 -6.40 -6.27
C THR A 102 11.14 -7.87 -6.38
N LYS A 103 11.06 -8.64 -5.30
CA LYS A 103 11.39 -10.07 -5.43
C LYS A 103 10.44 -10.80 -6.36
N SER A 104 9.16 -10.48 -6.27
CA SER A 104 8.15 -11.02 -7.19
C SER A 104 8.39 -10.58 -8.62
N PHE A 105 8.64 -9.29 -8.82
CA PHE A 105 9.00 -8.79 -10.14
C PHE A 105 10.21 -9.57 -10.72
N ILE A 106 11.32 -9.66 -9.99
CA ILE A 106 12.54 -10.36 -10.44
C ILE A 106 12.26 -11.83 -10.82
N THR A 107 11.37 -12.49 -10.09
CA THR A 107 11.09 -13.90 -10.33
C THR A 107 9.91 -14.22 -11.29
N GLY A 108 9.37 -13.19 -11.94
CA GLY A 108 8.30 -13.37 -12.93
C GLY A 108 6.89 -13.53 -12.38
N LYS A 109 6.72 -13.18 -11.11
CA LYS A 109 5.45 -13.36 -10.42
C LYS A 109 4.64 -12.05 -10.40
N PRO A 110 3.48 -12.02 -11.11
CA PRO A 110 2.78 -10.72 -11.32
C PRO A 110 1.91 -10.25 -10.13
N LEU A 111 2.40 -10.38 -8.90
CA LEU A 111 1.65 -9.90 -7.76
C LEU A 111 2.27 -8.72 -7.06
N PHE A 112 3.25 -8.09 -7.69
CA PHE A 112 3.84 -6.88 -7.14
C PHE A 112 2.85 -5.75 -7.51
N GLY A 113 3.08 -4.54 -7.04
CA GLY A 113 2.19 -3.45 -7.41
C GLY A 113 2.80 -2.07 -7.35
N THR A 114 2.22 -1.16 -8.11
CA THR A 114 2.59 0.25 -8.08
C THR A 114 1.68 0.90 -7.04
N LEU A 115 2.27 1.65 -6.11
CA LEU A 115 1.51 2.25 -5.03
C LEU A 115 1.65 3.73 -5.13
N ILE A 116 0.50 4.42 -5.07
CA ILE A 116 0.44 5.89 -5.19
C ILE A 116 -0.43 6.41 -4.07
N ALA A 117 0.12 7.33 -3.28
CA ALA A 117 -0.62 7.96 -2.18
C ALA A 117 -0.50 9.48 -2.27
N LEU A 118 -1.60 10.19 -2.01
CA LEU A 118 -1.58 11.64 -1.93
C LEU A 118 -1.94 12.00 -0.52
N LEU A 119 -1.10 12.83 0.06
CA LEU A 119 -1.27 13.24 1.45
C LEU A 119 -1.55 14.74 1.52
N GLN A 120 -2.61 15.11 2.23
CA GLN A 120 -2.94 16.51 2.46
C GLN A 120 -2.63 16.82 3.92
N ASN A 121 -1.61 17.65 4.14
CA ASN A 121 -1.02 17.89 5.49
C ASN A 121 -0.86 16.58 6.29
N GLY A 122 -0.22 15.59 5.66
CA GLY A 122 0.12 14.32 6.31
C GLY A 122 -0.96 13.26 6.44
N THR A 123 -2.21 13.59 6.08
CA THR A 123 -3.29 12.59 6.01
C THR A 123 -3.39 12.01 4.57
N PRO A 124 -3.48 10.66 4.44
CA PRO A 124 -3.71 10.18 3.07
C PRO A 124 -5.17 10.37 2.64
N ILE A 125 -5.36 10.95 1.46
CA ILE A 125 -6.71 11.25 0.95
C ILE A 125 -7.09 10.42 -0.31
N LEU A 126 -6.06 9.92 -0.98
CA LEU A 126 -6.17 9.02 -2.11
C LEU A 126 -5.05 7.97 -2.00
N GLY A 127 -5.37 6.72 -2.38
CA GLY A 127 -4.40 5.67 -2.60
C GLY A 127 -4.76 4.77 -3.79
N ILE A 128 -3.77 4.36 -4.57
CA ILE A 128 -3.93 3.39 -5.65
C ILE A 128 -3.01 2.19 -5.41
N ILE A 129 -3.57 0.99 -5.59
CA ILE A 129 -2.79 -0.20 -5.82
C ILE A 129 -3.08 -0.61 -7.27
N ASP A 130 -2.06 -0.56 -8.12
CA ASP A 130 -2.22 -0.99 -9.48
C ASP A 130 -1.38 -2.22 -9.75
N GLN A 131 -1.97 -3.21 -10.41
CA GLN A 131 -1.20 -4.36 -10.89
C GLN A 131 -1.24 -4.30 -12.44
N PRO A 132 -0.17 -3.76 -13.05
CA PRO A 132 -0.23 -3.40 -14.47
C PRO A 132 -0.22 -4.61 -15.39
N VAL A 133 0.28 -5.76 -14.94
CA VAL A 133 0.26 -6.99 -15.73
C VAL A 133 -1.15 -7.57 -15.68
N LEU A 134 -1.69 -7.72 -14.48
CA LEU A 134 -3.08 -8.23 -14.30
C LEU A 134 -4.17 -7.23 -14.69
N LYS A 135 -3.78 -5.99 -14.94
CA LYS A 135 -4.67 -4.90 -15.27
C LYS A 135 -5.79 -4.81 -14.23
N GLU A 136 -5.36 -4.61 -12.98
CA GLU A 136 -6.24 -4.51 -11.82
C GLU A 136 -5.80 -3.32 -11.03
N ARG A 137 -6.74 -2.40 -10.74
CA ARG A 137 -6.49 -1.13 -10.07
C ARG A 137 -7.52 -0.88 -8.98
N TRP A 138 -7.06 -0.82 -7.73
CA TRP A 138 -7.89 -0.45 -6.59
C TRP A 138 -7.61 0.99 -6.33
N ILE A 139 -8.66 1.82 -6.28
CA ILE A 139 -8.58 3.24 -5.86
C ILE A 139 -9.36 3.44 -4.59
N GLY A 140 -8.71 4.07 -3.61
CA GLY A 140 -9.36 4.49 -2.38
C GLY A 140 -9.37 6.00 -2.34
N ILE A 141 -10.51 6.59 -2.01
CA ILE A 141 -10.68 8.07 -1.95
C ILE A 141 -11.44 8.41 -0.67
N THR A 142 -11.00 9.44 0.05
CA THR A 142 -11.78 9.96 1.21
C THR A 142 -13.25 10.17 0.85
N GLY A 143 -14.13 9.55 1.64
CA GLY A 143 -15.57 9.73 1.53
C GLY A 143 -16.27 8.99 0.40
N LYS A 144 -15.54 8.14 -0.31
CA LYS A 144 -16.11 7.25 -1.31
C LYS A 144 -15.81 5.80 -0.97
N ARG A 145 -16.66 4.88 -1.38
CA ARG A 145 -16.30 3.46 -1.37
C ARG A 145 -15.15 3.18 -2.38
N THR A 146 -14.26 2.27 -1.99
CA THR A 146 -13.14 1.80 -2.79
C THR A 146 -13.63 1.00 -4.00
N THR A 147 -13.03 1.26 -5.15
CA THR A 147 -13.36 0.56 -6.39
C THR A 147 -12.18 -0.26 -6.92
N LEU A 148 -12.53 -1.37 -7.59
CA LEU A 148 -11.59 -2.16 -8.40
C LEU A 148 -12.11 -2.12 -9.84
N ASN A 149 -11.36 -1.43 -10.71
CA ASN A 149 -11.67 -1.31 -12.12
C ASN A 149 -13.07 -0.76 -12.31
N GLY A 150 -13.35 0.33 -11.61
CA GLY A 150 -14.66 0.95 -11.62
C GLY A 150 -15.75 0.27 -10.79
N GLN A 151 -15.52 -0.90 -10.20
CA GLN A 151 -16.58 -1.58 -9.42
C GLN A 151 -16.31 -1.55 -7.93
N GLU A 152 -17.32 -1.19 -7.16
CA GLU A 152 -17.22 -1.12 -5.70
C GLU A 152 -16.83 -2.44 -5.09
N VAL A 153 -15.94 -2.38 -4.11
CA VAL A 153 -15.48 -3.56 -3.41
C VAL A 153 -15.69 -3.36 -1.90
N SER A 154 -15.65 -4.48 -1.20
CA SER A 154 -16.05 -4.51 0.18
C SER A 154 -15.30 -5.63 0.87
N THR A 155 -14.81 -5.37 2.08
CA THR A 155 -14.26 -6.45 2.95
C THR A 155 -15.38 -7.36 3.37
N ARG A 156 -15.05 -8.55 3.88
CA ARG A 156 -16.10 -9.47 4.36
C ARG A 156 -16.02 -9.58 5.87
N THR A 157 -17.15 -9.89 6.51
CA THR A 157 -17.11 -10.19 7.92
C THR A 157 -16.43 -11.54 8.09
N CYS A 158 -15.97 -11.78 9.31
CA CYS A 158 -15.26 -12.99 9.69
C CYS A 158 -15.39 -13.01 11.18
N ALA A 159 -16.01 -14.07 11.72
CA ALA A 159 -16.36 -14.17 13.16
C ALA A 159 -15.17 -14.05 14.14
N ASP A 160 -14.17 -14.89 13.90
CA ASP A 160 -13.17 -15.27 14.88
C ASP A 160 -11.86 -15.47 14.09
N LEU A 161 -10.73 -15.31 14.80
CA LEU A 161 -9.37 -15.48 14.31
C LEU A 161 -9.14 -16.89 13.74
N SER A 162 -9.81 -17.87 14.36
CA SER A 162 -9.83 -19.24 13.83
C SER A 162 -10.54 -19.42 12.47
N GLN A 163 -11.32 -18.41 12.04
CA GLN A 163 -12.01 -18.44 10.74
C GLN A 163 -11.20 -17.73 9.70
N ALA A 164 -10.14 -17.05 10.15
CA ALA A 164 -9.43 -16.07 9.31
C ALA A 164 -8.39 -16.69 8.39
N TYR A 165 -8.35 -16.19 7.15
CA TYR A 165 -7.24 -16.45 6.24
C TYR A 165 -6.26 -15.31 6.39
N LEU A 166 -5.00 -15.66 6.62
CA LEU A 166 -3.95 -14.70 6.92
C LEU A 166 -2.86 -14.71 5.85
N TYR A 167 -2.35 -13.53 5.53
CA TYR A 167 -1.16 -13.40 4.69
C TYR A 167 -0.05 -12.61 5.36
N THR A 168 1.17 -13.07 5.15
CA THR A 168 2.35 -12.27 5.39
C THR A 168 3.34 -12.54 4.25
N THR A 169 4.25 -11.64 3.94
CA THR A 169 5.18 -11.87 2.80
C THR A 169 6.14 -13.06 3.05
N SER A 170 6.71 -13.11 4.26
CA SER A 170 7.77 -14.07 4.62
C SER A 170 7.87 -14.29 6.13
N PRO A 171 8.30 -15.50 6.57
CA PRO A 171 8.45 -15.85 8.00
C PRO A 171 9.69 -15.24 8.67
N HIS A 172 10.82 -15.29 7.99
CA HIS A 172 12.07 -14.70 8.50
C HIS A 172 12.22 -13.23 8.07
N LEU A 173 11.11 -12.64 7.63
CA LEU A 173 10.97 -11.18 7.53
C LEU A 173 10.37 -10.69 8.86
N PHE A 174 10.82 -11.34 9.93
CA PHE A 174 10.55 -11.02 11.31
C PHE A 174 11.81 -11.34 12.10
N SER A 175 12.19 -10.42 12.99
CA SER A 175 13.36 -10.59 13.85
C SER A 175 12.96 -10.64 15.32
N GLY A 176 13.51 -11.63 16.02
CA GLY A 176 13.39 -11.77 17.47
C GLY A 176 11.99 -11.72 18.02
N ASP A 177 11.57 -10.53 18.44
CA ASP A 177 10.29 -10.35 19.13
C ASP A 177 9.12 -10.28 18.18
N ALA A 178 9.34 -9.65 17.03
CA ALA A 178 8.37 -9.65 15.96
C ALA A 178 8.00 -11.09 15.54
N GLU A 179 8.98 -11.98 15.46
CA GLU A 179 8.68 -13.38 15.15
C GLU A 179 7.82 -14.08 16.21
N GLU A 180 8.04 -13.76 17.49
CA GLU A 180 7.19 -14.28 18.57
C GLU A 180 5.73 -13.76 18.46
N ALA A 181 5.60 -12.44 18.33
CA ALA A 181 4.32 -11.77 18.09
C ALA A 181 3.60 -12.44 16.92
N PHE A 182 4.28 -12.53 15.78
CA PHE A 182 3.70 -13.15 14.59
C PHE A 182 3.25 -14.60 14.82
N ILE A 183 4.11 -15.42 15.44
CA ILE A 183 3.76 -16.82 15.80
C ILE A 183 2.44 -16.94 16.63
N ARG A 184 2.27 -16.02 17.58
CA ARG A 184 1.09 -16.03 18.43
C ARG A 184 -0.19 -15.95 17.62
N VAL A 185 -0.30 -14.91 16.77
CA VAL A 185 -1.43 -14.79 15.85
C VAL A 185 -1.48 -15.92 14.84
N ARG A 186 -0.34 -16.25 14.22
CA ARG A 186 -0.28 -17.39 13.29
C ARG A 186 -0.95 -18.67 13.80
N ASP A 187 -0.73 -19.04 15.05
CA ASP A 187 -1.26 -20.32 15.52
C ASP A 187 -2.78 -20.32 15.67
N LYS A 188 -3.36 -19.12 15.78
CA LYS A 188 -4.79 -18.97 15.99
C LYS A 188 -5.60 -18.87 14.71
N VAL A 189 -4.98 -18.63 13.55
CA VAL A 189 -5.72 -18.37 12.30
C VAL A 189 -6.09 -19.67 11.61
N LYS A 190 -7.06 -19.65 10.70
CA LYS A 190 -7.48 -20.88 10.00
C LYS A 190 -6.31 -21.43 9.15
N ILE A 191 -5.67 -20.55 8.38
CA ILE A 191 -4.49 -20.89 7.61
C ILE A 191 -3.61 -19.65 7.33
N PRO A 192 -2.30 -19.75 7.66
CA PRO A 192 -1.32 -18.73 7.28
C PRO A 192 -0.78 -18.97 5.87
N LEU A 193 -0.76 -17.91 5.08
CA LEU A 193 -0.25 -17.96 3.73
C LEU A 193 0.75 -16.87 3.55
N TYR A 194 1.50 -17.00 2.47
CA TYR A 194 2.72 -16.24 2.20
C TYR A 194 2.78 -15.90 0.71
N GLY A 195 3.55 -14.85 0.39
CA GLY A 195 3.91 -14.51 -0.99
C GLY A 195 2.91 -13.88 -1.96
N CYS A 196 2.06 -12.99 -1.45
CA CYS A 196 1.66 -11.78 -2.20
C CYS A 196 2.45 -10.72 -1.47
N ASP A 197 2.39 -9.51 -1.99
CA ASP A 197 3.10 -8.42 -1.36
C ASP A 197 1.98 -7.49 -0.97
N CYS A 198 1.83 -6.39 -1.70
CA CYS A 198 0.73 -5.48 -1.52
C CYS A 198 -0.59 -6.09 -2.01
N TYR A 199 -0.50 -7.02 -2.95
CA TYR A 199 -1.67 -7.73 -3.49
C TYR A 199 -2.58 -8.33 -2.41
N ALA A 200 -1.97 -8.79 -1.32
CA ALA A 200 -2.70 -9.33 -0.21
C ALA A 200 -3.63 -8.27 0.42
N TYR A 201 -3.17 -7.05 0.53
CA TYR A 201 -4.04 -5.95 0.97
C TYR A 201 -5.14 -5.63 -0.05
N ALA A 202 -4.87 -5.82 -1.33
CA ALA A 202 -5.87 -5.60 -2.39
C ALA A 202 -6.94 -6.66 -2.23
N LEU A 203 -6.51 -7.88 -1.93
CA LEU A 203 -7.40 -9.04 -1.82
C LEU A 203 -8.30 -8.94 -0.61
N LEU A 204 -7.77 -8.39 0.48
CA LEU A 204 -8.50 -8.24 1.72
C LEU A 204 -9.57 -7.17 1.50
N SER A 205 -9.21 -6.14 0.74
CA SER A 205 -10.10 -5.07 0.41
C SER A 205 -11.27 -5.59 -0.40
N SER A 206 -11.03 -6.59 -1.22
CA SER A 206 -12.07 -7.19 -2.03
C SER A 206 -12.81 -8.31 -1.30
N GLY A 207 -12.44 -8.60 -0.05
CA GLY A 207 -13.12 -9.60 0.76
C GLY A 207 -12.72 -11.05 0.56
N PHE A 208 -11.52 -11.27 0.02
CA PHE A 208 -11.02 -12.62 -0.16
C PHE A 208 -9.99 -13.07 0.86
N VAL A 209 -9.55 -12.14 1.71
CA VAL A 209 -8.48 -12.40 2.73
C VAL A 209 -8.92 -11.66 3.96
N ASP A 210 -8.69 -12.24 5.14
CA ASP A 210 -9.19 -11.64 6.40
C ASP A 210 -8.19 -10.77 7.16
N LEU A 211 -6.92 -11.11 7.06
CA LEU A 211 -5.90 -10.51 7.95
C LEU A 211 -4.57 -10.46 7.23
N VAL A 212 -3.90 -9.32 7.28
CA VAL A 212 -2.53 -9.22 6.76
C VAL A 212 -1.65 -8.64 7.88
N VAL A 213 -0.54 -9.34 8.18
CA VAL A 213 0.37 -8.96 9.27
C VAL A 213 1.80 -8.91 8.79
N GLU A 214 2.40 -7.73 8.88
CA GLU A 214 3.77 -7.50 8.40
C GLU A 214 4.61 -6.63 9.34
N SER A 215 5.92 -6.86 9.22
CA SER A 215 6.95 -6.12 9.93
C SER A 215 7.97 -5.45 9.00
N GLY A 216 8.40 -4.25 9.38
CA GLY A 216 9.46 -3.57 8.63
C GLY A 216 9.03 -3.00 7.30
N LEU A 217 7.86 -2.39 7.27
CA LEU A 217 7.32 -1.79 6.07
C LEU A 217 7.62 -0.32 6.06
N LYS A 218 8.14 0.12 4.92
CA LYS A 218 8.53 1.52 4.71
C LYS A 218 7.30 2.30 4.21
N PRO A 219 7.21 3.61 4.51
CA PRO A 219 5.99 4.43 4.24
C PRO A 219 5.40 4.37 2.83
N TYR A 220 6.24 4.25 1.81
CA TYR A 220 5.81 4.22 0.42
C TYR A 220 5.19 2.84 0.05
N ASP A 221 5.25 1.90 1.01
CA ASP A 221 4.64 0.60 0.86
C ASP A 221 3.44 0.37 1.76
N PHE A 222 3.01 1.41 2.47
CA PHE A 222 1.77 1.30 3.24
C PHE A 222 0.81 2.48 3.19
N LEU A 223 1.28 3.68 2.83
CA LEU A 223 0.40 4.85 2.87
C LEU A 223 -0.73 4.74 1.86
N ALA A 224 -0.42 4.22 0.67
CA ALA A 224 -1.44 4.01 -0.35
C ALA A 224 -2.51 3.01 0.08
N LEU A 225 -2.18 2.12 1.01
CA LEU A 225 -3.07 1.04 1.43
C LEU A 225 -4.23 1.53 2.25
N ILE A 226 -4.00 2.65 2.96
CA ILE A 226 -4.90 3.15 3.98
C ILE A 226 -6.26 3.57 3.37
N PRO A 227 -6.30 4.53 2.42
CA PRO A 227 -7.63 4.77 1.86
C PRO A 227 -8.24 3.56 1.13
N VAL A 228 -7.42 2.73 0.50
CA VAL A 228 -7.95 1.54 -0.18
C VAL A 228 -8.65 0.65 0.86
N ILE A 229 -7.96 0.22 1.90
CA ILE A 229 -8.57 -0.63 2.93
C ILE A 229 -9.74 0.04 3.69
N GLU A 230 -9.60 1.31 4.05
CA GLU A 230 -10.61 1.99 4.88
C GLU A 230 -11.92 2.21 4.12
N GLY A 231 -11.83 2.63 2.86
CA GLY A 231 -12.98 2.76 1.96
C GLY A 231 -13.65 1.45 1.52
N SER A 232 -13.08 0.32 1.90
CA SER A 232 -13.66 -1.01 1.65
C SER A 232 -14.32 -1.54 2.90
N GLY A 233 -14.18 -0.76 3.98
CA GLY A 233 -14.69 -1.15 5.29
C GLY A 233 -13.75 -1.86 6.24
N GLY A 234 -12.48 -2.06 5.85
CA GLY A 234 -11.50 -2.70 6.71
C GLY A 234 -10.79 -1.74 7.64
N VAL A 235 -9.89 -2.27 8.46
CA VAL A 235 -9.08 -1.44 9.34
C VAL A 235 -7.57 -1.80 9.23
N ILE A 236 -6.73 -0.77 9.24
CA ILE A 236 -5.27 -0.91 9.13
C ILE A 236 -4.57 0.04 10.10
N THR A 237 -3.74 -0.53 10.98
CA THR A 237 -3.01 0.25 11.97
C THR A 237 -1.62 -0.36 12.16
N ASP A 238 -0.91 0.14 13.17
CA ASP A 238 0.32 -0.51 13.61
C ASP A 238 0.03 -1.60 14.62
N TRP A 239 1.07 -2.22 15.15
CA TRP A 239 0.88 -3.35 16.04
C TRP A 239 0.35 -2.98 17.41
N LYS A 240 0.44 -1.68 17.74
CA LYS A 240 -0.10 -1.14 18.98
C LYS A 240 -1.54 -0.72 18.74
N GLY A 241 -1.96 -0.69 17.48
CA GLY A 241 -3.32 -0.33 17.11
C GLY A 241 -3.50 1.17 16.90
N HIS A 242 -2.38 1.88 16.74
CA HIS A 242 -2.43 3.30 16.40
C HIS A 242 -2.46 3.57 14.90
N GLN A 243 -3.06 4.70 14.56
CA GLN A 243 -3.02 5.33 13.23
C GLN A 243 -1.64 5.23 12.55
N LEU A 244 -1.62 4.80 11.30
CA LEU A 244 -0.40 4.79 10.51
C LEU A 244 -0.15 6.18 9.93
N ARG A 245 0.81 6.89 10.51
CA ARG A 245 1.11 8.23 10.07
C ARG A 245 2.60 8.37 9.72
N TRP A 246 2.89 9.08 8.64
CA TRP A 246 4.25 9.46 8.28
C TRP A 246 4.22 10.81 7.58
N GLU A 247 4.60 11.85 8.33
CA GLU A 247 4.66 13.21 7.81
C GLU A 247 5.87 13.32 6.87
N ALA A 248 5.61 13.32 5.57
CA ALA A 248 6.68 13.47 4.59
C ALA A 248 7.13 14.93 4.49
N SER A 249 8.43 15.14 4.60
CA SER A 249 9.06 16.48 4.52
C SER A 249 10.43 16.37 3.78
N PRO A 250 11.14 17.51 3.51
CA PRO A 250 12.50 17.35 2.96
C PRO A 250 13.44 16.63 3.95
N LEU A 251 13.11 16.73 5.25
CA LEU A 251 13.86 16.10 6.34
C LEU A 251 13.08 14.92 6.91
N SER A 252 12.64 14.02 6.02
CA SER A 252 11.94 12.79 6.42
C SER A 252 12.78 11.56 6.15
N ILE A 253 12.78 10.63 7.09
CA ILE A 253 13.48 9.35 6.94
C ILE A 253 12.48 8.19 6.80
N ALA A 254 12.61 7.44 5.70
CA ALA A 254 11.82 6.22 5.46
C ALA A 254 12.23 5.09 6.42
N THR A 255 11.67 5.11 7.63
CA THR A 255 11.91 4.10 8.67
C THR A 255 10.83 2.99 8.70
N SER A 256 11.18 1.82 9.21
CA SER A 256 10.30 0.65 9.28
C SER A 256 9.11 0.83 10.21
N PHE A 257 7.96 0.33 9.78
CA PHE A 257 6.76 0.21 10.62
C PHE A 257 6.28 -1.24 10.56
N ASN A 258 5.50 -1.62 11.57
CA ASN A 258 4.80 -2.88 11.62
C ASN A 258 3.31 -2.63 11.32
N VAL A 259 2.70 -3.50 10.51
CA VAL A 259 1.36 -3.24 9.98
C VAL A 259 0.45 -4.45 10.22
N VAL A 260 -0.75 -4.19 10.71
CA VAL A 260 -1.81 -5.21 10.77
C VAL A 260 -3.07 -4.63 10.15
N ALA A 261 -3.60 -5.36 9.17
CA ALA A 261 -4.81 -4.98 8.48
C ALA A 261 -5.81 -6.11 8.56
N ALA A 262 -7.08 -5.74 8.75
CA ALA A 262 -8.17 -6.71 8.83
C ALA A 262 -9.36 -6.24 8.03
N GLY A 263 -10.10 -7.19 7.50
CA GLY A 263 -11.42 -6.94 6.90
C GLY A 263 -12.51 -6.50 7.87
N ASP A 264 -12.38 -7.01 9.10
CA ASP A 264 -13.37 -6.97 10.18
C ASP A 264 -12.73 -6.40 11.43
N LYS A 265 -13.32 -5.37 12.04
CA LYS A 265 -12.72 -4.76 13.23
C LYS A 265 -12.56 -5.69 14.43
N GLN A 266 -13.48 -6.64 14.61
CA GLN A 266 -13.37 -7.67 15.66
C GLN A 266 -12.08 -8.46 15.50
N ILE A 267 -11.75 -8.81 14.26
CA ILE A 267 -10.57 -9.61 13.94
C ILE A 267 -9.28 -8.84 14.21
N HIS A 268 -9.28 -7.55 13.87
CA HIS A 268 -8.21 -6.61 14.16
C HIS A 268 -7.91 -6.57 15.65
N GLN A 269 -8.94 -6.24 16.44
CA GLN A 269 -8.94 -6.33 17.88
C GLN A 269 -8.26 -7.57 18.41
N GLN A 270 -8.76 -8.71 17.94
CA GLN A 270 -8.38 -9.99 18.45
C GLN A 270 -6.92 -10.29 18.12
N ALA A 271 -6.53 -9.96 16.88
CA ALA A 271 -5.15 -9.96 16.41
C ALA A 271 -4.23 -9.10 17.28
N LEU A 272 -4.66 -7.86 17.59
CA LEU A 272 -3.90 -6.93 18.46
C LEU A 272 -3.56 -7.53 19.83
N ASP A 273 -4.50 -8.30 20.37
CA ASP A 273 -4.30 -9.03 21.63
C ASP A 273 -3.28 -10.16 21.53
N SER A 274 -3.27 -10.87 20.40
CA SER A 274 -2.23 -11.88 20.15
C SER A 274 -0.85 -11.28 19.90
N LEU A 275 -0.79 -10.13 19.25
CA LEU A 275 0.49 -9.45 19.00
C LEU A 275 1.18 -9.01 20.28
N GLN A 276 0.41 -8.59 21.29
CA GLN A 276 0.97 -8.18 22.60
C GLN A 276 2.12 -7.17 22.48
N TRP A 277 2.01 -6.28 21.50
CA TRP A 277 3.03 -5.27 21.20
C TRP A 277 2.81 -4.05 22.09
SE SEY B . -3.43 22.04 -5.18
C SEY B . -3.14 22.54 -6.96
N2 SEY B . -1.95 22.92 -7.35
N1 SEY B . -4.14 22.51 -7.83
P PO4 C . -2.57 2.82 -22.39
O1 PO4 C . -2.72 1.36 -22.03
O2 PO4 C . -2.86 3.65 -21.17
O3 PO4 C . -1.15 3.08 -22.88
O4 PO4 C . -3.54 3.16 -23.50
#